data_5Q1N
#
_entry.id   5Q1N
#
_cell.length_a   52.153
_cell.length_b   56.974
_cell.length_c   115.081
_cell.angle_alpha   90.000
_cell.angle_beta   90.000
_cell.angle_gamma   90.000
#
_symmetry.space_group_name_H-M   'P 21 21 21'
#
loop_
_entity.id
_entity.type
_entity.pdbx_description
1 polymer 'DNA cross-link repair 1A protein'
2 non-polymer 'MALONATE ION'
3 non-polymer 'NICKEL (II) ION'
4 non-polymer ~{N}2-(1~{H}-benzimidazol-2-yl)benzene-1,2-diamine
5 water water
#
_entity_poly.entity_id   1
_entity_poly.type   'polypeptide(L)'
_entity_poly.pdbx_seq_one_letter_code
;KKTCPFYKKIPGTGFTVDAFQYGVVEGCTAYFLTHFHSDHYAGLSKHFTFPVYCSEITGNLLKNKLHVQEQYIHPLPLDT
ECIVNGVKVVLLDANHCPGAVMILFYLPNGTVILHTGDFRADPSMERSLLADQKVHMLYLDTTYCSPEYTFPSQQEVIRF
AINTAFEAVTLNPHALVVCGTYSIGKEKVFLAIADVLGSKVGMSQEKYKTLQCLNIPEINSLITTDMCSSLVHLLPMMQI
NFKGLQSHLKKCGGKYNQILAFRPTGWTHSNKFTRIADVIPQTKGNISIYGIPYSEHSSYLEMKRFVQWLKPQKIIPTVN
VGTWKSRSTMEKYFREWKLEAGY
;
_entity_poly.pdbx_strand_id   A
#
loop_
_chem_comp.id
_chem_comp.type
_chem_comp.name
_chem_comp.formula
AWG non-polymer ~{N}2-(1~{H}-benzimidazol-2-yl)benzene-1,2-diamine 'C13 H12 N4'
MLI non-polymer 'MALONATE ION' 'C3 H2 O4 -2'
NI non-polymer 'NICKEL (II) ION' 'Ni 2'
#
# COMPACT_ATOMS: atom_id res chain seq x y z
N THR A 3 0.83 15.82 -20.73
CA THR A 3 -0.07 14.85 -21.41
C THR A 3 -0.03 13.47 -20.77
N CYS A 4 -1.17 12.78 -20.81
CA CYS A 4 -1.31 11.47 -20.21
C CYS A 4 -0.44 10.45 -20.93
N PRO A 5 0.45 9.72 -20.20
CA PRO A 5 1.27 8.72 -20.88
C PRO A 5 0.47 7.48 -21.30
N PHE A 6 0.99 6.80 -22.32
CA PHE A 6 0.33 5.62 -22.91
C PHE A 6 0.00 4.52 -21.90
N TYR A 7 0.89 4.28 -20.93
CA TYR A 7 0.71 3.17 -19.96
C TYR A 7 -0.41 3.41 -18.93
N LYS A 8 -1.02 4.60 -18.92
CA LYS A 8 -2.20 4.89 -18.09
C LYS A 8 -3.53 4.79 -18.85
N LYS A 9 -3.46 4.35 -20.11
CA LYS A 9 -4.65 4.23 -20.97
C LYS A 9 -4.93 2.76 -21.25
N ILE A 10 -6.20 2.38 -21.30
CA ILE A 10 -6.57 1.00 -21.65
C ILE A 10 -7.04 0.98 -23.12
N PRO A 11 -6.28 0.29 -24.00
CA PRO A 11 -6.64 0.32 -25.43
C PRO A 11 -8.01 -0.28 -25.75
N GLY A 12 -8.67 0.25 -26.78
CA GLY A 12 -10.01 -0.21 -27.16
C GLY A 12 -11.12 0.20 -26.21
N THR A 13 -10.85 1.15 -25.31
CA THR A 13 -11.83 1.62 -24.33
C THR A 13 -11.72 3.13 -24.14
N GLY A 14 -12.66 3.70 -23.39
CA GLY A 14 -12.58 5.07 -22.94
C GLY A 14 -11.95 5.20 -21.55
N PHE A 15 -11.14 4.22 -21.12
CA PHE A 15 -10.73 4.16 -19.71
C PHE A 15 -9.29 4.58 -19.46
N THR A 16 -9.07 5.32 -18.36
CA THR A 16 -7.73 5.55 -17.81
C THR A 16 -7.64 4.95 -16.39
N VAL A 17 -6.41 4.64 -15.97
CA VAL A 17 -6.11 4.16 -14.61
C VAL A 17 -5.08 5.09 -13.95
N ASP A 18 -5.44 5.63 -12.77
CA ASP A 18 -4.55 6.49 -11.96
C ASP A 18 -3.98 7.73 -12.70
N ALA A 19 -4.86 8.36 -13.47
CA ALA A 19 -4.51 9.47 -14.39
C ALA A 19 -5.35 10.72 -14.10
N PHE A 20 -5.08 11.35 -12.96
CA PHE A 20 -5.80 12.55 -12.49
C PHE A 20 -5.02 13.88 -12.56
N GLN A 21 -3.77 13.81 -13.01
CA GLN A 21 -2.85 14.98 -12.98
C GLN A 21 -2.56 15.59 -14.35
N TYR A 22 -3.40 15.26 -15.34
CA TYR A 22 -3.23 15.71 -16.72
C TYR A 22 -4.41 16.54 -17.24
N GLY A 23 -5.19 17.12 -16.33
CA GLY A 23 -6.42 17.83 -16.69
C GLY A 23 -7.47 16.89 -17.28
N VAL A 24 -8.20 17.36 -18.28
CA VAL A 24 -9.18 16.53 -18.99
C VAL A 24 -8.42 15.68 -20.02
N VAL A 25 -8.52 14.36 -19.91
CA VAL A 25 -7.90 13.46 -20.89
C VAL A 25 -8.88 13.25 -22.05
N GLU A 26 -8.52 13.70 -23.26
CA GLU A 26 -9.43 13.63 -24.42
C GLU A 26 -9.77 12.18 -24.75
N GLY A 27 -11.06 11.87 -24.82
CA GLY A 27 -11.53 10.51 -25.06
C GLY A 27 -11.80 9.68 -23.81
N CYS A 28 -11.41 10.16 -22.62
CA CYS A 28 -11.65 9.38 -21.40
C CYS A 28 -13.10 9.53 -20.89
N THR A 29 -13.85 8.42 -20.84
CA THR A 29 -15.23 8.40 -20.31
C THR A 29 -15.36 7.98 -18.83
N ALA A 30 -14.35 7.27 -18.31
CA ALA A 30 -14.32 6.80 -16.93
C ALA A 30 -12.86 6.79 -16.46
N TYR A 31 -12.63 7.36 -15.27
CA TYR A 31 -11.33 7.38 -14.61
C TYR A 31 -11.32 6.37 -13.44
N PHE A 32 -10.50 5.33 -13.56
CA PHE A 32 -10.34 4.34 -12.48
C PHE A 32 -9.24 4.80 -11.52
N LEU A 33 -9.45 4.59 -10.20
CA LEU A 33 -8.41 4.85 -9.17
C LEU A 33 -8.16 3.55 -8.40
N THR A 34 -6.95 2.99 -8.51
CA THR A 34 -6.67 1.68 -7.91
C THR A 34 -6.59 1.73 -6.36
N HIS A 35 -6.09 2.84 -5.79
CA HIS A 35 -5.90 2.98 -4.35
C HIS A 35 -5.59 4.40 -3.93
N PHE A 36 -5.82 4.70 -2.65
CA PHE A 36 -5.67 6.07 -2.11
C PHE A 36 -4.23 6.32 -1.64
N HIS A 37 -3.29 6.34 -2.60
CA HIS A 37 -1.93 6.86 -2.41
C HIS A 37 -1.71 8.08 -3.31
N SER A 38 -1.02 9.11 -2.76
CA SER A 38 -0.94 10.44 -3.38
C SER A 38 -0.34 10.47 -4.78
N ASP A 39 0.64 9.62 -5.09
CA ASP A 39 1.15 9.58 -6.50
C ASP A 39 0.11 9.11 -7.50
N HIS A 40 -0.86 8.31 -7.03
CA HIS A 40 -1.90 7.77 -7.90
C HIS A 40 -3.12 8.66 -8.02
N TYR A 41 -3.54 9.26 -6.89
CA TYR A 41 -4.66 10.21 -6.92
C TYR A 41 -4.27 11.66 -7.29
N ALA A 42 -2.97 11.95 -7.43
CA ALA A 42 -2.48 13.34 -7.70
C ALA A 42 -3.34 14.06 -8.74
N GLY A 43 -3.90 15.21 -8.33
CA GLY A 43 -4.74 16.02 -9.20
C GLY A 43 -6.23 15.98 -8.87
N LEU A 44 -6.69 14.90 -8.22
CA LEU A 44 -8.05 14.85 -7.68
C LEU A 44 -8.21 15.85 -6.55
N SER A 45 -9.35 16.55 -6.57
CA SER A 45 -9.69 17.53 -5.54
C SER A 45 -11.21 17.64 -5.48
N LYS A 46 -11.67 18.53 -4.60
CA LYS A 46 -13.08 18.91 -4.48
C LYS A 46 -13.78 19.29 -5.78
N HIS A 47 -13.03 19.85 -6.73
CA HIS A 47 -13.62 20.42 -7.95
C HIS A 47 -13.51 19.51 -9.21
N PHE A 48 -13.12 18.24 -9.02
CA PHE A 48 -13.14 17.23 -10.11
C PHE A 48 -14.59 16.86 -10.50
N THR A 49 -14.90 16.86 -11.81
CA THR A 49 -16.30 16.67 -12.30
C THR A 49 -16.53 15.56 -13.36
N PHE A 50 -15.77 14.46 -13.27
CA PHE A 50 -15.94 13.31 -14.14
C PHE A 50 -16.10 12.06 -13.27
N PRO A 51 -16.68 10.97 -13.82
CA PRO A 51 -16.87 9.77 -13.03
C PRO A 51 -15.56 9.08 -12.61
N VAL A 52 -15.46 8.77 -11.32
CA VAL A 52 -14.36 8.01 -10.75
C VAL A 52 -14.85 6.62 -10.34
N TYR A 53 -14.18 5.57 -10.80
CA TYR A 53 -14.53 4.17 -10.40
C TYR A 53 -13.44 3.61 -9.48
N CYS A 54 -13.85 3.02 -8.36
CA CYS A 54 -12.92 2.61 -7.29
C CYS A 54 -13.60 1.61 -6.30
N SER A 55 -12.86 1.13 -5.30
CA SER A 55 -13.42 0.31 -4.22
C SER A 55 -14.24 1.18 -3.29
N GLU A 56 -15.04 0.55 -2.44
CA GLU A 56 -15.82 1.28 -1.42
C GLU A 56 -14.91 2.06 -0.46
N ILE A 57 -13.83 1.44 0.01
CA ILE A 57 -12.90 2.12 0.93
C ILE A 57 -12.26 3.35 0.29
N THR A 58 -11.77 3.21 -0.94
CA THR A 58 -11.21 4.33 -1.68
C THR A 58 -12.26 5.44 -1.83
N GLY A 59 -13.50 5.04 -2.11
CA GLY A 59 -14.61 6.02 -2.22
C GLY A 59 -14.84 6.79 -0.92
N ASN A 60 -14.78 6.11 0.21
CA ASN A 60 -14.95 6.79 1.52
C ASN A 60 -13.87 7.85 1.73
N LEU A 61 -12.64 7.54 1.33
CA LEU A 61 -11.51 8.46 1.48
C LEU A 61 -11.61 9.66 0.52
N LEU A 62 -12.03 9.40 -0.73
CA LEU A 62 -12.31 10.49 -1.70
C LEU A 62 -13.33 11.48 -1.20
N LYS A 63 -14.41 10.96 -0.65
CA LYS A 63 -15.51 11.78 -0.13
C LYS A 63 -15.07 12.57 1.11
N ASN A 64 -14.50 11.87 2.09
CA ASN A 64 -14.23 12.49 3.39
C ASN A 64 -12.91 13.26 3.50
N LYS A 65 -11.85 12.80 2.87
CA LYS A 65 -10.51 13.42 2.94
C LYS A 65 -10.19 14.42 1.82
N LEU A 66 -10.58 14.12 0.58
CA LEU A 66 -10.38 15.03 -0.56
C LEU A 66 -11.59 15.88 -0.94
N HIS A 67 -12.73 15.58 -0.31
N HIS A 67 -12.75 15.59 -0.32
CA HIS A 67 -14.02 16.28 -0.52
CA HIS A 67 -13.97 16.37 -0.53
C HIS A 67 -14.55 16.28 -1.95
C HIS A 67 -14.56 16.27 -1.95
N VAL A 68 -14.33 15.15 -2.64
CA VAL A 68 -14.93 14.92 -3.98
C VAL A 68 -16.43 14.75 -3.78
N GLN A 69 -17.25 15.32 -4.66
CA GLN A 69 -18.69 15.22 -4.50
C GLN A 69 -19.16 13.80 -4.79
N GLU A 70 -20.15 13.37 -3.99
CA GLU A 70 -20.71 12.01 -4.02
C GLU A 70 -21.27 11.60 -5.39
N GLN A 71 -21.81 12.55 -6.16
CA GLN A 71 -22.33 12.27 -7.51
C GLN A 71 -21.29 11.76 -8.52
N TYR A 72 -20.00 12.02 -8.27
CA TYR A 72 -18.92 11.58 -9.18
C TYR A 72 -18.18 10.32 -8.72
N ILE A 73 -18.52 9.81 -7.53
CA ILE A 73 -17.86 8.61 -6.96
C ILE A 73 -18.73 7.36 -7.25
N HIS A 74 -18.14 6.37 -7.92
CA HIS A 74 -18.80 5.11 -8.30
C HIS A 74 -18.08 3.94 -7.65
N PRO A 75 -18.46 3.60 -6.40
CA PRO A 75 -17.80 2.49 -5.71
C PRO A 75 -18.31 1.15 -6.24
N LEU A 76 -17.42 0.17 -6.41
CA LEU A 76 -17.80 -1.16 -6.89
C LEU A 76 -17.36 -2.21 -5.88
N PRO A 77 -18.17 -3.26 -5.69
CA PRO A 77 -17.82 -4.37 -4.82
C PRO A 77 -16.69 -5.23 -5.40
N LEU A 78 -15.96 -5.96 -4.55
CA LEU A 78 -14.92 -6.89 -5.02
C LEU A 78 -15.51 -8.20 -5.52
N ASP A 79 -14.74 -8.89 -6.36
CA ASP A 79 -15.02 -10.29 -6.77
C ASP A 79 -16.40 -10.44 -7.45
N THR A 80 -16.83 -9.37 -8.14
CA THR A 80 -18.19 -9.24 -8.68
C THR A 80 -18.14 -8.68 -10.12
N GLU A 81 -18.82 -9.34 -11.03
CA GLU A 81 -18.93 -8.82 -12.42
C GLU A 81 -19.77 -7.52 -12.47
N CYS A 82 -19.16 -6.44 -12.94
CA CYS A 82 -19.80 -5.14 -13.06
C CYS A 82 -19.68 -4.68 -14.50
N ILE A 83 -20.62 -3.86 -14.99
CA ILE A 83 -20.54 -3.35 -16.35
C ILE A 83 -20.39 -1.83 -16.28
N VAL A 84 -19.30 -1.30 -16.86
CA VAL A 84 -19.00 0.13 -16.92
C VAL A 84 -18.91 0.57 -18.37
N ASN A 85 -19.74 1.55 -18.76
CA ASN A 85 -19.84 1.99 -20.16
C ASN A 85 -19.82 0.81 -21.16
N GLY A 86 -20.60 -0.24 -20.85
CA GLY A 86 -20.74 -1.41 -21.70
C GLY A 86 -19.60 -2.40 -21.74
N VAL A 87 -18.69 -2.30 -20.76
CA VAL A 87 -17.55 -3.21 -20.66
C VAL A 87 -17.58 -3.92 -19.30
N LYS A 88 -17.44 -5.26 -19.32
CA LYS A 88 -17.39 -6.05 -18.07
C LYS A 88 -16.03 -5.84 -17.36
N VAL A 89 -16.10 -5.51 -16.07
CA VAL A 89 -14.93 -5.29 -15.18
C VAL A 89 -15.11 -6.04 -13.87
N VAL A 90 -13.99 -6.47 -13.29
CA VAL A 90 -13.96 -7.11 -11.95
C VAL A 90 -12.84 -6.44 -11.16
N LEU A 91 -13.13 -6.05 -9.92
CA LEU A 91 -12.10 -5.59 -8.96
C LEU A 91 -11.68 -6.74 -8.03
N LEU A 92 -10.37 -6.90 -7.87
CA LEU A 92 -9.77 -7.93 -6.98
C LEU A 92 -8.90 -7.29 -5.90
N ASP A 93 -8.87 -7.87 -4.70
CA ASP A 93 -7.94 -7.32 -3.68
C ASP A 93 -6.47 -7.40 -4.13
N ALA A 94 -5.74 -6.30 -3.98
CA ALA A 94 -4.35 -6.20 -4.41
C ALA A 94 -3.31 -6.59 -3.33
N ASN A 95 -3.74 -6.89 -2.11
CA ASN A 95 -2.78 -7.12 -1.01
C ASN A 95 -1.75 -6.01 -0.90
N HIS A 96 -2.24 -4.76 -0.93
CA HIS A 96 -1.41 -3.55 -0.82
C HIS A 96 -1.89 -2.82 0.47
N CYS A 97 -2.47 -1.63 0.36
CA CYS A 97 -3.07 -0.88 1.48
C CYS A 97 -4.59 -1.10 1.49
N PRO A 98 -5.28 -0.69 2.58
CA PRO A 98 -6.70 -0.84 2.61
C PRO A 98 -7.42 -0.22 1.39
N GLY A 99 -8.34 -0.99 0.78
CA GLY A 99 -9.07 -0.51 -0.40
C GLY A 99 -8.38 -0.62 -1.75
N ALA A 100 -7.14 -1.09 -1.76
CA ALA A 100 -6.37 -1.21 -3.00
C ALA A 100 -6.85 -2.39 -3.83
N VAL A 101 -7.02 -2.17 -5.15
CA VAL A 101 -7.53 -3.22 -6.06
C VAL A 101 -6.64 -3.42 -7.30
N MET A 102 -6.73 -4.63 -7.86
CA MET A 102 -6.38 -4.92 -9.23
C MET A 102 -7.68 -4.89 -10.05
N ILE A 103 -7.58 -4.57 -11.33
CA ILE A 103 -8.76 -4.48 -12.20
C ILE A 103 -8.64 -5.40 -13.42
N LEU A 104 -9.65 -6.26 -13.62
CA LEU A 104 -9.77 -7.08 -14.82
C LEU A 104 -10.73 -6.42 -15.80
N PHE A 105 -10.28 -6.21 -17.03
CA PHE A 105 -11.13 -5.64 -18.10
C PHE A 105 -11.37 -6.72 -19.19
N TYR A 106 -12.64 -7.00 -19.48
CA TYR A 106 -13.02 -7.97 -20.54
C TYR A 106 -13.45 -7.18 -21.78
N LEU A 107 -12.54 -6.99 -22.74
CA LEU A 107 -12.87 -6.18 -23.93
C LEU A 107 -13.88 -6.90 -24.83
N PRO A 108 -14.74 -6.14 -25.54
CA PRO A 108 -15.75 -6.72 -26.46
C PRO A 108 -15.18 -7.67 -27.52
N ASN A 109 -13.99 -7.35 -28.01
CA ASN A 109 -13.28 -8.19 -28.99
C ASN A 109 -12.60 -9.48 -28.45
N GLY A 110 -12.71 -9.74 -27.15
CA GLY A 110 -12.17 -10.96 -26.54
C GLY A 110 -10.81 -10.79 -25.84
N THR A 111 -10.23 -9.61 -25.94
CA THR A 111 -8.99 -9.27 -25.23
C THR A 111 -9.28 -9.17 -23.72
N VAL A 112 -8.40 -9.74 -22.89
CA VAL A 112 -8.49 -9.68 -21.42
C VAL A 112 -7.21 -8.97 -20.89
N ILE A 113 -7.43 -7.92 -20.12
CA ILE A 113 -6.35 -7.09 -19.55
C ILE A 113 -6.43 -7.13 -18.02
N LEU A 114 -5.30 -7.44 -17.37
CA LEU A 114 -5.18 -7.28 -15.91
C LEU A 114 -4.26 -6.11 -15.57
N HIS A 115 -4.77 -5.17 -14.76
CA HIS A 115 -3.98 -4.05 -14.24
C HIS A 115 -3.83 -4.28 -12.74
N THR A 116 -2.59 -4.48 -12.28
CA THR A 116 -2.37 -4.88 -10.88
C THR A 116 -2.46 -3.70 -9.87
N GLY A 117 -2.58 -2.45 -10.34
CA GLY A 117 -2.31 -1.28 -9.50
C GLY A 117 -0.96 -1.44 -8.84
N ASP A 118 -0.87 -1.04 -7.58
CA ASP A 118 0.23 -1.46 -6.69
C ASP A 118 -0.24 -2.76 -6.00
N PHE A 119 0.63 -3.78 -5.93
CA PHE A 119 0.25 -5.06 -5.29
C PHE A 119 1.46 -5.72 -4.61
N ARG A 120 1.18 -6.56 -3.62
CA ARG A 120 2.16 -7.55 -3.12
C ARG A 120 1.68 -8.96 -3.54
N ALA A 121 2.26 -9.51 -4.61
CA ALA A 121 1.82 -10.79 -5.13
C ALA A 121 1.85 -11.87 -4.05
N ASP A 122 0.87 -12.78 -4.09
CA ASP A 122 0.78 -13.87 -3.11
C ASP A 122 0.22 -15.10 -3.80
N PRO A 123 0.62 -16.32 -3.37
CA PRO A 123 0.04 -17.54 -3.99
C PRO A 123 -1.49 -17.68 -3.89
N SER A 124 -2.12 -17.02 -2.91
CA SER A 124 -3.59 -16.99 -2.81
C SER A 124 -4.28 -16.38 -4.03
N MET A 125 -3.58 -15.49 -4.75
CA MET A 125 -4.10 -14.92 -6.02
C MET A 125 -4.26 -15.96 -7.13
N GLU A 126 -3.57 -17.10 -6.99
CA GLU A 126 -3.64 -18.18 -7.97
C GLU A 126 -4.96 -18.96 -7.87
N ARG A 127 -5.74 -18.71 -6.81
CA ARG A 127 -7.08 -19.30 -6.59
C ARG A 127 -8.18 -18.24 -6.51
N SER A 128 -7.87 -17.00 -6.88
CA SER A 128 -8.90 -16.00 -7.11
C SER A 128 -9.69 -16.38 -8.39
N LEU A 129 -10.56 -15.48 -8.77
CA LEU A 129 -11.17 -15.48 -10.10
C LEU A 129 -10.16 -15.53 -11.28
N LEU A 130 -8.87 -15.28 -11.01
CA LEU A 130 -7.83 -15.43 -12.03
C LEU A 130 -7.49 -16.86 -12.44
N ALA A 131 -7.96 -17.88 -11.69
CA ALA A 131 -7.61 -19.27 -11.98
C ALA A 131 -8.05 -19.65 -13.39
N ASP A 132 -7.11 -20.12 -14.21
CA ASP A 132 -7.39 -20.54 -15.58
C ASP A 132 -7.83 -19.39 -16.54
N GLN A 133 -7.62 -18.12 -16.15
CA GLN A 133 -8.05 -16.97 -16.96
C GLN A 133 -6.95 -16.54 -17.91
N LYS A 134 -7.22 -16.57 -19.21
CA LYS A 134 -6.29 -16.06 -20.21
C LYS A 134 -6.18 -14.54 -20.04
N VAL A 135 -4.94 -14.04 -20.01
CA VAL A 135 -4.66 -12.61 -19.90
C VAL A 135 -3.72 -12.23 -21.04
N HIS A 136 -4.18 -11.32 -21.90
CA HIS A 136 -3.42 -10.90 -23.07
C HIS A 136 -2.41 -9.80 -22.73
N MET A 137 -2.80 -8.86 -21.87
CA MET A 137 -1.89 -7.80 -21.42
C MET A 137 -1.94 -7.66 -19.91
N LEU A 138 -0.75 -7.57 -19.29
CA LEU A 138 -0.59 -7.33 -17.85
C LEU A 138 0.10 -5.97 -17.62
N TYR A 139 -0.59 -5.06 -16.93
CA TYR A 139 -0.02 -3.79 -16.52
C TYR A 139 0.49 -4.01 -15.07
N LEU A 140 1.81 -4.05 -14.89
CA LEU A 140 2.46 -4.68 -13.74
C LEU A 140 3.18 -3.68 -12.83
N ASP A 141 2.90 -3.77 -11.52
CA ASP A 141 3.67 -3.04 -10.49
C ASP A 141 5.07 -3.67 -10.37
N THR A 142 6.04 -2.99 -10.96
CA THR A 142 7.42 -3.43 -11.08
C THR A 142 8.36 -2.68 -10.09
N THR A 143 7.81 -2.21 -8.97
CA THR A 143 8.61 -1.45 -7.98
C THR A 143 9.97 -2.14 -7.65
N TYR A 144 9.92 -3.44 -7.34
CA TYR A 144 11.12 -4.21 -6.95
C TYR A 144 11.52 -5.32 -7.96
N CYS A 145 11.48 -4.98 -9.26
CA CYS A 145 11.86 -5.92 -10.32
C CYS A 145 13.39 -6.01 -10.53
N SER A 146 14.07 -6.55 -9.53
CA SER A 146 15.49 -6.91 -9.62
C SER A 146 15.81 -7.90 -8.48
N PRO A 147 16.67 -8.92 -8.69
CA PRO A 147 16.86 -9.96 -7.64
C PRO A 147 17.51 -9.53 -6.33
N GLU A 148 18.18 -8.38 -6.34
CA GLU A 148 18.73 -7.88 -5.08
C GLU A 148 17.64 -7.50 -4.06
N TYR A 149 16.42 -7.24 -4.53
CA TYR A 149 15.33 -6.88 -3.62
C TYR A 149 14.70 -8.09 -2.92
N THR A 150 15.22 -8.33 -1.71
CA THR A 150 14.73 -9.34 -0.78
C THR A 150 14.25 -8.66 0.52
N PHE A 151 13.23 -9.24 1.12
CA PHE A 151 12.77 -8.85 2.46
C PHE A 151 11.87 -9.98 3.06
N PRO A 152 11.65 -9.96 4.40
CA PRO A 152 10.88 -11.04 5.03
C PRO A 152 9.37 -10.99 4.79
N SER A 153 8.67 -12.02 5.24
CA SER A 153 7.20 -12.00 5.19
C SER A 153 6.69 -10.92 6.14
N GLN A 154 5.49 -10.41 5.87
CA GLN A 154 4.84 -9.50 6.82
C GLN A 154 4.66 -10.14 8.21
N GLN A 155 4.33 -11.45 8.24
CA GLN A 155 4.16 -12.19 9.49
C GLN A 155 5.45 -12.14 10.35
N GLU A 156 6.61 -12.39 9.72
CA GLU A 156 7.93 -12.35 10.41
C GLU A 156 8.23 -10.98 11.01
N VAL A 157 7.95 -9.93 10.24
CA VAL A 157 8.18 -8.55 10.67
C VAL A 157 7.28 -8.16 11.85
N ILE A 158 6.00 -8.54 11.79
CA ILE A 158 5.06 -8.27 12.89
C ILE A 158 5.48 -9.00 14.18
N ARG A 159 5.91 -10.25 14.05
CA ARG A 159 6.44 -11.03 15.19
C ARG A 159 7.58 -10.30 15.91
N PHE A 160 8.52 -9.78 15.11
CA PHE A 160 9.66 -9.00 15.65
C PHE A 160 9.18 -7.76 16.40
N ALA A 161 8.27 -7.02 15.80
CA ALA A 161 7.76 -5.79 16.40
C ALA A 161 7.01 -6.04 17.71
N ILE A 162 6.11 -7.03 17.71
CA ILE A 162 5.32 -7.41 18.90
C ILE A 162 6.27 -7.81 20.03
N ASN A 163 7.22 -8.68 19.72
CA ASN A 163 8.15 -9.20 20.76
C ASN A 163 9.03 -8.06 21.33
N THR A 164 9.49 -7.16 20.45
CA THR A 164 10.34 -6.04 20.88
C THR A 164 9.56 -5.08 21.82
N ALA A 165 8.34 -4.69 21.42
CA ALA A 165 7.52 -3.79 22.22
C ALA A 165 7.11 -4.41 23.55
N PHE A 166 6.66 -5.66 23.51
CA PHE A 166 6.26 -6.35 24.74
C PHE A 166 7.43 -6.47 25.75
N GLU A 167 8.62 -6.86 25.30
CA GLU A 167 9.80 -6.94 26.18
C GLU A 167 10.09 -5.59 26.82
N ALA A 168 10.08 -4.53 26.02
CA ALA A 168 10.52 -3.20 26.52
C ALA A 168 9.58 -2.67 27.62
N VAL A 169 8.28 -2.82 27.40
CA VAL A 169 7.26 -2.30 28.31
C VAL A 169 7.13 -3.21 29.57
N THR A 170 7.40 -4.49 29.42
CA THR A 170 7.44 -5.41 30.59
C THR A 170 8.66 -5.05 31.49
N LEU A 171 9.81 -4.76 30.89
CA LEU A 171 10.96 -4.27 31.69
C LEU A 171 10.73 -2.88 32.31
N ASN A 172 10.12 -1.98 31.52
CA ASN A 172 9.81 -0.61 31.96
C ASN A 172 8.35 -0.24 31.70
N PRO A 173 7.45 -0.46 32.67
CA PRO A 173 6.05 -0.06 32.53
C PRO A 173 5.73 1.41 32.27
N HIS A 174 6.69 2.31 32.48
CA HIS A 174 6.57 3.71 32.19
C HIS A 174 7.15 4.13 30.81
N ALA A 175 7.41 3.16 29.92
CA ALA A 175 7.81 3.47 28.56
C ALA A 175 6.58 3.75 27.65
N LEU A 176 6.77 4.71 26.74
CA LEU A 176 5.82 4.99 25.66
C LEU A 176 6.29 4.36 24.36
N VAL A 177 5.36 3.80 23.59
CA VAL A 177 5.68 3.29 22.24
C VAL A 177 5.09 4.29 21.23
N VAL A 178 5.89 4.63 20.22
CA VAL A 178 5.49 5.53 19.14
C VAL A 178 5.70 4.83 17.77
N CYS A 179 4.75 5.00 16.87
N CYS A 179 4.76 4.99 16.86
CA CYS A 179 4.86 4.48 15.49
CA CYS A 179 4.89 4.47 15.51
C CYS A 179 4.65 5.58 14.47
C CYS A 179 4.69 5.62 14.51
N GLY A 180 5.55 5.67 13.49
CA GLY A 180 5.42 6.65 12.40
C GLY A 180 4.49 6.22 11.28
N THR A 181 3.82 7.22 10.65
CA THR A 181 2.92 7.03 9.51
C THR A 181 2.92 8.28 8.55
N TYR A 182 2.75 8.08 7.25
CA TYR A 182 2.59 9.22 6.30
C TYR A 182 1.55 9.03 5.17
N SER A 183 0.75 7.99 5.30
CA SER A 183 -0.22 7.58 4.30
C SER A 183 -0.94 6.38 4.88
N ILE A 184 -1.97 5.93 4.21
CA ILE A 184 -2.57 4.65 4.56
C ILE A 184 -1.67 3.46 4.17
N GLY A 185 -1.97 2.30 4.74
CA GLY A 185 -1.14 1.10 4.61
C GLY A 185 -0.33 0.82 5.86
N LYS A 186 0.01 -0.45 6.09
CA LYS A 186 0.89 -0.87 7.20
C LYS A 186 0.26 -0.72 8.60
N GLU A 187 -1.07 -0.65 8.64
CA GLU A 187 -1.79 -0.45 9.93
C GLU A 187 -1.53 -1.62 10.90
N LYS A 188 -1.24 -2.80 10.35
CA LYS A 188 -0.99 -3.98 11.20
C LYS A 188 0.14 -3.75 12.20
N VAL A 189 1.13 -2.94 11.81
CA VAL A 189 2.26 -2.66 12.72
C VAL A 189 1.77 -2.08 14.05
N PHE A 190 1.03 -0.96 13.99
CA PHE A 190 0.58 -0.32 15.23
C PHE A 190 -0.57 -1.04 15.91
N LEU A 191 -1.46 -1.68 15.12
CA LEU A 191 -2.55 -2.43 15.71
C LEU A 191 -2.05 -3.67 16.48
N ALA A 192 -1.12 -4.43 15.90
CA ALA A 192 -0.54 -5.60 16.59
C ALA A 192 0.21 -5.23 17.87
N ILE A 193 1.01 -4.17 17.81
CA ILE A 193 1.71 -3.70 19.03
C ILE A 193 0.71 -3.29 20.12
N ALA A 194 -0.32 -2.51 19.77
CA ALA A 194 -1.26 -2.04 20.80
C ALA A 194 -2.02 -3.20 21.45
N ASP A 195 -2.36 -4.20 20.64
CA ASP A 195 -3.04 -5.38 21.14
C ASP A 195 -2.21 -6.16 22.15
N VAL A 196 -0.92 -6.40 21.87
CA VAL A 196 -0.07 -7.13 22.86
C VAL A 196 0.14 -6.32 24.15
N LEU A 197 0.07 -5.00 24.05
CA LEU A 197 0.23 -4.12 25.22
C LEU A 197 -1.08 -3.80 25.97
N GLY A 198 -2.22 -4.28 25.48
CA GLY A 198 -3.51 -3.98 26.13
C GLY A 198 -3.93 -2.53 26.09
N SER A 199 -3.60 -1.85 24.98
CA SER A 199 -3.88 -0.41 24.82
C SER A 199 -4.63 -0.08 23.52
N LYS A 200 -5.40 1.01 23.54
CA LYS A 200 -5.85 1.64 22.28
C LYS A 200 -4.68 2.45 21.70
N VAL A 201 -4.75 2.70 20.40
CA VAL A 201 -3.77 3.54 19.73
C VAL A 201 -4.27 4.99 19.70
N GLY A 202 -3.44 5.90 20.22
CA GLY A 202 -3.74 7.33 20.26
C GLY A 202 -3.18 8.08 19.06
N MET A 203 -3.93 9.06 18.55
CA MET A 203 -3.54 9.80 17.33
C MET A 203 -4.28 11.12 17.20
N SER A 204 -3.81 11.97 16.26
CA SER A 204 -4.51 13.22 15.90
C SER A 204 -5.90 12.98 15.36
N GLN A 205 -6.73 14.02 15.40
CA GLN A 205 -8.06 13.98 14.80
C GLN A 205 -7.99 13.67 13.30
N GLU A 206 -7.00 14.22 12.60
CA GLU A 206 -6.88 14.00 11.15
C GLU A 206 -6.63 12.52 10.81
N LYS A 207 -5.67 11.94 11.50
CA LYS A 207 -5.38 10.50 11.30
C LYS A 207 -6.54 9.60 11.74
N TYR A 208 -7.20 9.93 12.85
CA TYR A 208 -8.43 9.23 13.25
C TYR A 208 -9.48 9.23 12.14
N LYS A 209 -9.70 10.41 11.53
CA LYS A 209 -10.65 10.54 10.41
C LYS A 209 -10.28 9.56 9.29
N THR A 210 -8.99 9.53 8.94
CA THR A 210 -8.52 8.62 7.89
C THR A 210 -8.80 7.15 8.21
N LEU A 211 -8.47 6.71 9.43
CA LEU A 211 -8.72 5.29 9.81
C LEU A 211 -10.22 4.91 9.88
N GLN A 212 -11.07 5.88 10.24
CA GLN A 212 -12.52 5.69 10.25
C GLN A 212 -13.13 5.43 8.86
N CYS A 213 -12.40 5.74 7.79
CA CYS A 213 -12.84 5.44 6.42
C CYS A 213 -12.53 3.99 5.94
N LEU A 214 -11.78 3.21 6.71
CA LEU A 214 -11.17 1.97 6.17
C LEU A 214 -11.93 0.63 6.38
N ASN A 215 -13.11 0.67 6.99
CA ASN A 215 -13.91 -0.55 7.26
C ASN A 215 -13.16 -1.66 8.04
N ILE A 216 -12.33 -1.26 8.99
CA ILE A 216 -11.62 -2.21 9.82
C ILE A 216 -12.61 -2.69 10.88
N PRO A 217 -12.80 -4.03 11.00
CA PRO A 217 -13.77 -4.52 12.00
C PRO A 217 -13.43 -4.05 13.42
N GLU A 218 -14.47 -3.64 14.14
CA GLU A 218 -14.35 -3.28 15.58
C GLU A 218 -13.36 -2.14 15.82
N ILE A 219 -13.23 -1.23 14.86
CA ILE A 219 -12.24 -0.15 14.90
C ILE A 219 -12.42 0.77 16.11
N ASN A 220 -13.66 1.03 16.52
CA ASN A 220 -13.90 1.92 17.67
C ASN A 220 -13.29 1.37 18.96
N SER A 221 -13.21 0.04 19.08
CA SER A 221 -12.50 -0.60 20.19
C SER A 221 -10.97 -0.44 20.15
N LEU A 222 -10.39 -0.02 19.02
CA LEU A 222 -8.93 -0.12 18.82
C LEU A 222 -8.17 1.21 18.81
N ILE A 223 -8.84 2.31 18.44
CA ILE A 223 -8.21 3.62 18.24
C ILE A 223 -8.92 4.73 19.02
N THR A 224 -8.18 5.82 19.31
CA THR A 224 -8.69 6.95 20.10
C THR A 224 -7.97 8.27 19.80
N THR A 225 -8.65 9.38 20.03
CA THR A 225 -8.04 10.74 20.00
C THR A 225 -7.58 11.23 21.38
N ASP A 226 -7.94 10.47 22.42
CA ASP A 226 -7.53 10.79 23.79
C ASP A 226 -6.13 10.23 24.02
N MET A 227 -5.13 11.08 23.80
CA MET A 227 -3.72 10.68 23.84
C MET A 227 -3.33 10.17 25.23
N CYS A 228 -3.84 10.86 26.26
CA CYS A 228 -3.54 10.54 27.68
C CYS A 228 -3.94 9.14 28.10
N SER A 229 -4.98 8.58 27.46
CA SER A 229 -5.47 7.23 27.77
C SER A 229 -4.68 6.08 27.12
N SER A 230 -3.74 6.39 26.23
CA SER A 230 -3.06 5.42 25.38
C SER A 230 -1.56 5.41 25.61
N LEU A 231 -0.92 4.24 25.57
CA LEU A 231 0.55 4.17 25.58
C LEU A 231 1.18 3.69 24.26
N VAL A 232 0.39 3.71 23.17
CA VAL A 232 0.93 3.57 21.82
C VAL A 232 0.44 4.81 21.07
N HIS A 233 1.36 5.65 20.60
CA HIS A 233 0.96 6.89 19.90
C HIS A 233 1.40 6.85 18.43
N LEU A 234 0.58 7.41 17.52
CA LEU A 234 0.99 7.62 16.14
C LEU A 234 1.44 9.06 15.94
N LEU A 235 2.55 9.23 15.24
CA LEU A 235 3.03 10.55 14.83
C LEU A 235 3.37 10.53 13.33
N PRO A 236 3.37 11.70 12.68
CA PRO A 236 3.91 11.75 11.33
C PRO A 236 5.33 11.17 11.24
N MET A 237 5.59 10.49 10.13
CA MET A 237 6.90 9.86 9.90
C MET A 237 8.07 10.85 10.03
N MET A 238 7.85 12.09 9.60
CA MET A 238 8.82 13.17 9.74
C MET A 238 9.24 13.53 11.17
N GLN A 239 8.40 13.21 12.17
CA GLN A 239 8.72 13.40 13.58
C GLN A 239 9.53 12.24 14.21
N ILE A 240 9.75 11.14 13.50
CA ILE A 240 10.43 9.96 14.10
C ILE A 240 11.94 10.12 13.92
N ASN A 241 12.48 10.94 14.81
CA ASN A 241 13.91 11.27 14.89
C ASN A 241 14.13 11.77 16.32
N PHE A 242 15.39 11.81 16.76
CA PHE A 242 15.66 12.16 18.17
C PHE A 242 15.07 13.52 18.57
N LYS A 243 15.25 14.55 17.75
CA LYS A 243 14.60 15.88 17.99
C LYS A 243 13.08 15.80 18.17
N GLY A 244 12.39 15.17 17.22
CA GLY A 244 10.92 15.13 17.25
C GLY A 244 10.36 14.32 18.41
N LEU A 245 11.06 13.25 18.79
CA LEU A 245 10.62 12.39 19.89
C LEU A 245 10.92 13.03 21.25
N GLN A 246 12.03 13.74 21.39
CA GLN A 246 12.31 14.51 22.60
C GLN A 246 11.23 15.55 22.81
N SER A 247 10.85 16.24 21.74
CA SER A 247 9.77 17.21 21.79
C SER A 247 8.43 16.55 22.17
N HIS A 248 8.14 15.39 21.59
CA HIS A 248 6.87 14.73 21.91
C HIS A 248 6.79 14.31 23.39
N LEU A 249 7.89 13.78 23.91
CA LEU A 249 7.97 13.33 25.31
C LEU A 249 7.70 14.47 26.30
N LYS A 250 8.22 15.64 26.00
CA LYS A 250 8.00 16.82 26.85
C LYS A 250 6.52 17.21 26.97
N LYS A 251 5.70 16.89 25.97
CA LYS A 251 4.27 17.20 26.01
C LYS A 251 3.42 16.18 26.78
N CYS A 252 4.00 15.06 27.24
CA CYS A 252 3.19 13.98 27.84
C CYS A 252 3.02 14.09 29.38
N GLY A 253 3.33 15.27 29.95
CA GLY A 253 3.02 15.57 31.35
C GLY A 253 3.66 14.66 32.39
N GLY A 254 4.89 14.22 32.12
CA GLY A 254 5.63 13.33 33.03
C GLY A 254 5.00 11.97 33.26
N LYS A 255 4.24 11.48 32.28
CA LYS A 255 3.63 10.17 32.35
C LYS A 255 4.58 9.04 31.97
N TYR A 256 5.60 9.37 31.18
CA TYR A 256 6.56 8.39 30.65
C TYR A 256 8.00 8.85 30.83
N ASN A 257 8.90 7.88 30.97
CA ASN A 257 10.36 8.20 31.10
C ASN A 257 11.29 7.50 30.07
N GLN A 258 10.70 6.92 29.03
CA GLN A 258 11.43 6.25 27.92
C GLN A 258 10.53 6.26 26.68
N ILE A 259 11.11 6.39 25.48
CA ILE A 259 10.37 6.15 24.21
C ILE A 259 11.04 5.04 23.41
N LEU A 260 10.23 4.08 22.94
CA LEU A 260 10.64 3.13 21.92
C LEU A 260 9.81 3.46 20.67
N ALA A 261 10.48 3.76 19.56
CA ALA A 261 9.81 4.19 18.31
C ALA A 261 10.11 3.24 17.15
N PHE A 262 9.08 3.04 16.32
CA PHE A 262 9.19 2.26 15.10
C PHE A 262 8.96 3.13 13.86
N ARG A 263 9.83 2.96 12.85
CA ARG A 263 9.71 3.58 11.52
C ARG A 263 9.51 2.48 10.52
N PRO A 264 8.25 2.23 10.11
CA PRO A 264 8.03 1.29 9.01
C PRO A 264 8.56 1.89 7.71
N THR A 265 9.41 1.13 7.02
CA THR A 265 9.94 1.52 5.70
C THR A 265 9.53 0.47 4.69
N GLY A 266 9.88 0.70 3.43
CA GLY A 266 9.99 -0.37 2.43
C GLY A 266 11.35 -1.05 2.54
N TRP A 267 11.81 -1.67 1.46
CA TRP A 267 13.20 -2.15 1.37
C TRP A 267 14.19 -1.01 1.64
N THR A 268 15.26 -1.26 2.38
CA THR A 268 16.41 -0.35 2.49
C THR A 268 17.69 -1.14 2.28
N HIS A 269 18.79 -0.41 2.08
CA HIS A 269 20.11 -1.01 1.82
C HIS A 269 20.54 -2.05 2.89
N SER A 270 20.19 -1.81 4.15
CA SER A 270 20.56 -2.76 5.21
C SER A 270 19.96 -4.18 5.00
N ASN A 271 18.86 -4.30 4.23
CA ASN A 271 18.29 -5.61 3.88
C ASN A 271 19.21 -6.52 3.07
N LYS A 272 20.21 -5.95 2.40
CA LYS A 272 21.25 -6.75 1.73
C LYS A 272 22.10 -7.56 2.70
N PHE A 273 22.26 -7.06 3.94
CA PHE A 273 23.29 -7.53 4.85
C PHE A 273 22.78 -8.11 6.18
N THR A 274 21.70 -7.56 6.74
CA THR A 274 21.30 -7.83 8.13
C THR A 274 19.86 -8.36 8.14
N ARG A 275 19.69 -9.59 8.67
CA ARG A 275 18.39 -10.30 8.76
C ARG A 275 17.52 -9.63 9.83
N ILE A 276 16.19 -9.66 9.65
CA ILE A 276 15.26 -9.03 10.60
C ILE A 276 15.51 -9.49 12.05
N ALA A 277 15.80 -10.78 12.26
CA ALA A 277 16.10 -11.31 13.60
C ALA A 277 17.27 -10.62 14.30
N ASP A 278 18.24 -10.14 13.50
CA ASP A 278 19.48 -9.49 14.00
C ASP A 278 19.41 -7.96 14.14
N VAL A 279 18.28 -7.35 13.75
CA VAL A 279 18.15 -5.88 13.74
C VAL A 279 18.22 -5.27 15.14
N ILE A 280 18.92 -4.13 15.22
CA ILE A 280 19.07 -3.32 16.43
C ILE A 280 18.66 -1.85 16.19
N PRO A 281 18.33 -1.13 17.27
CA PRO A 281 17.89 0.27 17.11
C PRO A 281 19.04 1.29 17.16
N GLN A 282 18.74 2.52 16.75
CA GLN A 282 19.58 3.70 17.02
C GLN A 282 19.11 4.27 18.36
N THR A 283 20.05 4.65 19.22
CA THR A 283 19.71 5.07 20.58
C THR A 283 20.40 6.38 20.96
N LYS A 284 19.66 7.29 21.61
CA LYS A 284 20.24 8.48 22.28
C LYS A 284 19.50 8.69 23.60
N GLY A 285 20.23 8.57 24.69
CA GLY A 285 19.63 8.58 26.03
C GLY A 285 18.45 7.62 26.19
N ASN A 286 17.30 8.16 26.59
CA ASN A 286 16.11 7.33 26.85
C ASN A 286 15.21 7.14 25.62
N ILE A 287 15.75 7.39 24.43
CA ILE A 287 15.03 7.20 23.16
C ILE A 287 15.71 6.16 22.26
N SER A 288 14.91 5.22 21.74
CA SER A 288 15.36 4.21 20.77
C SER A 288 14.45 4.19 19.53
N ILE A 289 15.05 4.02 18.36
CA ILE A 289 14.32 3.99 17.06
C ILE A 289 14.71 2.76 16.26
N TYR A 290 13.71 1.93 15.95
CA TYR A 290 13.86 0.76 15.06
C TYR A 290 13.31 1.06 13.67
N GLY A 291 14.11 0.78 12.65
CA GLY A 291 13.59 0.76 11.27
C GLY A 291 13.12 -0.65 10.97
N ILE A 292 11.85 -0.82 10.59
CA ILE A 292 11.40 -2.18 10.19
C ILE A 292 10.85 -2.25 8.74
N PRO A 293 11.33 -3.24 7.98
CA PRO A 293 11.02 -3.33 6.55
C PRO A 293 9.72 -4.09 6.31
N TYR A 294 8.62 -3.37 6.47
CA TYR A 294 7.30 -3.89 6.26
C TYR A 294 6.88 -3.46 4.83
N SER A 295 7.07 -4.34 3.84
CA SER A 295 6.73 -4.01 2.45
C SER A 295 5.28 -4.38 2.10
N GLU A 296 4.61 -3.47 1.37
CA GLU A 296 3.33 -3.75 0.71
C GLU A 296 3.48 -3.81 -0.83
N HIS A 297 4.71 -4.07 -1.31
CA HIS A 297 4.96 -4.42 -2.71
C HIS A 297 5.63 -5.78 -2.81
N SER A 298 5.45 -6.44 -3.97
CA SER A 298 6.05 -7.75 -4.25
C SER A 298 7.56 -7.71 -4.09
N SER A 299 8.14 -8.74 -3.47
CA SER A 299 9.57 -8.96 -3.65
C SER A 299 9.81 -9.44 -5.09
N TYR A 300 11.09 -9.50 -5.51
CA TYR A 300 11.41 -10.01 -6.83
C TYR A 300 10.89 -11.45 -7.03
N LEU A 301 11.13 -12.33 -6.05
CA LEU A 301 10.69 -13.71 -6.18
C LEU A 301 9.15 -13.86 -6.20
N GLU A 302 8.45 -13.05 -5.40
CA GLU A 302 6.97 -13.04 -5.39
C GLU A 302 6.41 -12.59 -6.75
N MET A 303 6.98 -11.53 -7.31
CA MET A 303 6.60 -11.01 -8.63
C MET A 303 6.83 -12.04 -9.73
N LYS A 304 8.04 -12.61 -9.75
CA LYS A 304 8.41 -13.65 -10.72
C LYS A 304 7.46 -14.88 -10.69
N ARG A 305 7.13 -15.37 -9.49
CA ARG A 305 6.19 -16.51 -9.37
C ARG A 305 4.81 -16.16 -9.95
N PHE A 306 4.28 -15.00 -9.59
CA PHE A 306 2.96 -14.60 -10.09
C PHE A 306 2.92 -14.53 -11.64
N VAL A 307 3.91 -13.87 -12.22
CA VAL A 307 3.93 -13.68 -13.68
C VAL A 307 4.12 -15.03 -14.40
N GLN A 308 5.03 -15.87 -13.91
CA GLN A 308 5.27 -17.20 -14.51
C GLN A 308 4.04 -18.10 -14.40
N TRP A 309 3.26 -17.94 -13.33
CA TRP A 309 1.97 -18.64 -13.19
C TRP A 309 0.93 -18.08 -14.17
N LEU A 310 0.84 -16.76 -14.27
CA LEU A 310 -0.22 -16.11 -15.11
C LEU A 310 0.00 -16.27 -16.61
N LYS A 311 1.27 -16.31 -17.01
CA LYS A 311 1.68 -16.44 -18.43
C LYS A 311 1.06 -15.42 -19.38
N PRO A 312 1.23 -14.11 -19.08
CA PRO A 312 0.64 -13.08 -19.95
C PRO A 312 1.33 -12.97 -21.31
N GLN A 313 0.60 -12.57 -22.35
CA GLN A 313 1.20 -12.44 -23.70
C GLN A 313 2.10 -11.22 -23.84
N LYS A 314 1.78 -10.16 -23.10
CA LYS A 314 2.49 -8.88 -23.14
C LYS A 314 2.47 -8.27 -21.72
N ILE A 315 3.61 -7.69 -21.30
CA ILE A 315 3.73 -6.99 -20.01
C ILE A 315 4.06 -5.51 -20.24
N ILE A 316 3.31 -4.63 -19.59
CA ILE A 316 3.52 -3.20 -19.61
C ILE A 316 3.86 -2.74 -18.17
N PRO A 317 5.12 -2.37 -17.91
CA PRO A 317 5.43 -1.89 -16.55
C PRO A 317 4.78 -0.57 -16.24
N THR A 318 4.40 -0.38 -14.97
CA THR A 318 3.83 0.90 -14.51
C THR A 318 4.70 1.64 -13.46
N VAL A 319 5.82 1.05 -13.06
CA VAL A 319 6.75 1.65 -12.10
C VAL A 319 8.19 1.52 -12.64
N ASN A 320 9.00 2.55 -12.37
CA ASN A 320 10.38 2.66 -12.85
C ASN A 320 10.41 2.76 -14.40
N VAL A 321 9.47 3.51 -14.95
CA VAL A 321 9.31 3.66 -16.41
C VAL A 321 10.15 4.80 -17.04
N GLY A 322 10.77 5.65 -16.23
CA GLY A 322 11.37 6.89 -16.74
C GLY A 322 12.81 6.86 -17.20
N THR A 323 13.55 5.76 -16.94
CA THR A 323 14.95 5.65 -17.39
C THR A 323 15.13 4.48 -18.34
N TRP A 324 16.01 4.64 -19.33
CA TRP A 324 16.31 3.56 -20.28
C TRP A 324 16.96 2.35 -19.59
N LYS A 325 17.82 2.61 -18.60
CA LYS A 325 18.45 1.53 -17.82
C LYS A 325 17.40 0.64 -17.12
N SER A 326 16.45 1.29 -16.45
CA SER A 326 15.34 0.59 -15.78
C SER A 326 14.50 -0.22 -16.76
N ARG A 327 14.11 0.41 -17.87
CA ARG A 327 13.28 -0.26 -18.87
C ARG A 327 14.00 -1.49 -19.46
N SER A 328 15.27 -1.33 -19.83
CA SER A 328 16.07 -2.45 -20.34
C SER A 328 16.21 -3.62 -19.33
N THR A 329 16.46 -3.30 -18.06
CA THR A 329 16.61 -4.32 -17.02
C THR A 329 15.30 -5.16 -16.88
N MET A 330 14.18 -4.46 -16.80
CA MET A 330 12.85 -5.09 -16.68
C MET A 330 12.52 -6.01 -17.87
N GLU A 331 12.79 -5.52 -19.08
N GLU A 331 12.78 -5.54 -19.09
CA GLU A 331 12.57 -6.29 -20.31
CA GLU A 331 12.54 -6.35 -20.28
C GLU A 331 13.41 -7.58 -20.34
C GLU A 331 13.39 -7.62 -20.29
N LYS A 332 14.65 -7.52 -19.84
CA LYS A 332 15.53 -8.70 -19.78
C LYS A 332 15.00 -9.77 -18.83
N TYR A 333 14.50 -9.34 -17.67
CA TYR A 333 13.89 -10.31 -16.72
C TYR A 333 12.61 -10.94 -17.27
N PHE A 334 11.75 -10.14 -17.90
CA PHE A 334 10.52 -10.73 -18.46
C PHE A 334 10.87 -11.82 -19.49
N ARG A 335 11.85 -11.56 -20.36
CA ARG A 335 12.29 -12.59 -21.33
C ARG A 335 12.85 -13.85 -20.63
N GLU A 336 13.68 -13.64 -19.62
N GLU A 336 13.68 -13.66 -19.61
CA GLU A 336 14.23 -14.72 -18.82
CA GLU A 336 14.23 -14.78 -18.83
C GLU A 336 13.10 -15.60 -18.25
C GLU A 336 13.11 -15.62 -18.20
N TRP A 337 12.11 -14.95 -17.65
CA TRP A 337 10.98 -15.65 -17.01
C TRP A 337 10.17 -16.49 -18.01
N LYS A 338 9.94 -15.90 -19.20
CA LYS A 338 9.22 -16.53 -20.31
C LYS A 338 9.96 -17.77 -20.85
N LEU A 339 11.27 -17.62 -21.09
CA LEU A 339 12.10 -18.76 -21.54
C LEU A 339 12.15 -19.89 -20.50
N GLU A 340 12.28 -19.54 -19.22
CA GLU A 340 12.34 -20.54 -18.11
C GLU A 340 11.07 -21.36 -18.00
N ALA A 341 9.92 -20.70 -18.08
CA ALA A 341 8.62 -21.34 -17.84
C ALA A 341 7.98 -21.87 -19.11
N GLY A 342 8.52 -21.54 -20.27
CA GLY A 342 8.09 -22.14 -21.53
C GLY A 342 6.89 -21.51 -22.24
N TYR A 343 6.37 -20.38 -21.75
CA TYR A 343 5.26 -19.67 -22.43
C TYR A 343 5.81 -18.70 -23.48
C1 MLI B . 3.23 4.63 -2.56
C2 MLI B . 3.58 3.17 -2.42
C3 MLI B . 2.57 4.95 -3.89
O6 MLI B . 4.72 2.85 -2.05
O7 MLI B . 2.71 2.32 -2.67
O8 MLI B . 3.08 5.88 -4.58
O9 MLI B . 1.53 4.33 -4.21
NI NI C . 0.74 2.51 -3.42
N1 AWG D . 11.01 -0.09 35.61
N3 AWG D . 14.31 -1.60 33.34
C4 AWG D . 13.08 -0.76 36.72
C5 AWG D . 11.83 -0.11 36.73
C6 AWG D . 11.43 0.56 37.90
C7 AWG D . 13.85 -0.86 34.38
C8 AWG D . 14.53 -0.74 32.28
C10 AWG D . 15.13 0.17 30.19
C13 AWG D . 14.15 0.53 32.75
C1 AWG D . 12.25 0.56 39.02
C2 AWG D . 13.47 -0.09 38.99
C3 AWG D . 13.88 -0.75 37.85
N2 AWG D . 13.53 -1.43 35.57
C9 AWG D . 15.02 -0.94 31.00
C11 AWG D . 14.75 1.44 30.65
C12 AWG D . 14.25 1.63 31.92
N4 AWG D . 13.70 0.41 34.07
#